data_1JD0
#
_entry.id   1JD0
#
_cell.length_a   146.875
_cell.length_b   45.080
_cell.length_c   85.232
_cell.angle_alpha   90.00
_cell.angle_beta   93.98
_cell.angle_gamma   90.00
#
_symmetry.space_group_name_H-M   'C 1 2 1'
#
loop_
_entity.id
_entity.type
_entity.pdbx_description
1 polymer 'CARBONIC ANHYDRASE XII'
2 non-polymer 'ZINC ION'
3 non-polymer 5-ACETAMIDO-1,3,4-THIADIAZOLE-2-SULFONAMIDE
4 water water
#
_entity_poly.entity_id   1
_entity_poly.type   'polypeptide(L)'
_entity_poly.pdbx_seq_one_letter_code
;ASKWTYFGPDGENSWSKKYPSCGGLLQSPIDLHSDILQYDASLTPLEFQGYNLSANKQFLLTNNGHSVKLNLPSDMHIQG
LQSRYSATQLHLHWGNPNDPHGSEHTVSGQHFAAELHIVHYNSDLYPDASTASNKSEGLAVLAVLIEMGSFNPSYDKIFS
HLQHVKYKGQEAFVPGFNIEELLPERTAEYYRYRGSLTTPPCNPTVLWTVFRNPVQISQEQLLALETALYCTHMDDPSPR
EMINNFRQVQKFDERLVYTSFSQ
;
_entity_poly.pdbx_strand_id   A,B
#
loop_
_chem_comp.id
_chem_comp.type
_chem_comp.name
_chem_comp.formula
AZM non-polymer 5-ACETAMIDO-1,3,4-THIADIAZOLE-2-SULFONAMIDE 'C4 H6 N4 O3 S2'
ZN non-polymer 'ZINC ION' 'Zn 2'
#
# COMPACT_ATOMS: atom_id res chain seq x y z
N LYS A 3 11.96 -15.44 -12.04
CA LYS A 3 10.53 -15.18 -12.40
C LYS A 3 9.81 -14.46 -11.26
N TRP A 4 8.94 -13.52 -11.62
CA TRP A 4 8.18 -12.77 -10.62
C TRP A 4 6.73 -12.61 -11.05
N THR A 5 5.86 -12.36 -10.09
CA THR A 5 4.42 -12.19 -10.34
C THR A 5 3.86 -11.09 -9.43
N TYR A 6 2.55 -10.88 -9.52
CA TYR A 6 1.84 -9.89 -8.70
C TYR A 6 1.00 -10.58 -7.62
N PHE A 7 1.06 -11.90 -7.58
CA PHE A 7 0.30 -12.66 -6.61
C PHE A 7 0.97 -14.01 -6.39
N GLY A 8 0.94 -14.48 -5.15
CA GLY A 8 1.54 -15.77 -4.86
C GLY A 8 2.94 -15.69 -4.29
N PRO A 9 3.63 -16.84 -4.16
CA PRO A 9 4.99 -16.96 -3.62
C PRO A 9 6.01 -16.01 -4.23
N ASP A 10 5.84 -15.69 -5.51
CA ASP A 10 6.77 -14.78 -6.18
C ASP A 10 6.18 -13.38 -6.32
N GLY A 11 5.20 -13.08 -5.47
CA GLY A 11 4.54 -11.78 -5.48
C GLY A 11 5.42 -10.62 -5.02
N GLU A 12 4.84 -9.42 -5.00
CA GLU A 12 5.59 -8.22 -4.66
C GLU A 12 6.33 -8.18 -3.33
N ASN A 13 5.83 -8.87 -2.31
CA ASN A 13 6.52 -8.86 -1.02
C ASN A 13 7.79 -9.70 -1.08
N SER A 14 7.94 -10.47 -2.15
CA SER A 14 9.11 -11.33 -2.32
C SER A 14 10.08 -10.87 -3.41
N TRP A 15 9.72 -9.83 -4.13
CA TRP A 15 10.59 -9.31 -5.20
C TRP A 15 12.00 -9.00 -4.73
N SER A 16 12.13 -8.44 -3.52
CA SER A 16 13.43 -8.08 -2.98
C SER A 16 14.41 -9.23 -2.85
N LYS A 17 13.90 -10.46 -2.79
CA LYS A 17 14.75 -11.63 -2.66
C LYS A 17 15.71 -11.75 -3.86
N LYS A 18 15.17 -11.61 -5.06
CA LYS A 18 15.96 -11.72 -6.28
C LYS A 18 16.33 -10.36 -6.86
N TYR A 19 15.56 -9.33 -6.52
CA TYR A 19 15.81 -7.99 -7.02
C TYR A 19 15.97 -7.02 -5.86
N PRO A 20 17.20 -6.88 -5.36
CA PRO A 20 17.56 -5.99 -4.25
C PRO A 20 16.99 -4.59 -4.27
N SER A 21 16.96 -3.97 -5.46
CA SER A 21 16.45 -2.61 -5.56
C SER A 21 14.98 -2.50 -5.18
N CYS A 22 14.22 -3.60 -5.27
CA CYS A 22 12.81 -3.56 -4.92
C CYS A 22 12.62 -3.32 -3.42
N GLY A 23 13.71 -3.50 -2.67
CA GLY A 23 13.65 -3.27 -1.24
C GLY A 23 14.54 -2.09 -0.87
N GLY A 24 14.91 -1.32 -1.89
CA GLY A 24 15.77 -0.17 -1.69
C GLY A 24 15.08 1.18 -1.62
N LEU A 25 15.82 2.22 -1.97
CA LEU A 25 15.32 3.60 -1.92
C LEU A 25 14.56 4.05 -3.17
N LEU A 26 13.90 5.20 -3.04
CA LEU A 26 13.13 5.83 -4.11
C LEU A 26 12.17 4.90 -4.84
N GLN A 27 11.45 4.06 -4.11
CA GLN A 27 10.52 3.14 -4.73
C GLN A 27 9.18 3.77 -5.14
N SER A 28 8.63 3.26 -6.23
CA SER A 28 7.36 3.70 -6.79
C SER A 28 6.45 2.47 -6.86
N PRO A 29 5.13 2.65 -6.93
CA PRO A 29 4.39 3.92 -6.94
C PRO A 29 4.16 4.46 -5.53
N ILE A 30 3.51 5.61 -5.45
CA ILE A 30 3.23 6.24 -4.16
C ILE A 30 1.86 6.89 -4.18
N ASP A 31 1.36 7.21 -2.98
CA ASP A 31 0.09 7.91 -2.89
C ASP A 31 0.36 9.40 -2.90
N LEU A 32 -0.42 10.12 -3.69
CA LEU A 32 -0.29 11.56 -3.83
C LEU A 32 -1.35 12.25 -2.97
N HIS A 33 -0.96 12.74 -1.79
CA HIS A 33 -1.91 13.43 -0.92
C HIS A 33 -1.33 14.75 -0.42
N SER A 34 -2.22 15.66 -0.05
CA SER A 34 -1.88 17.01 0.39
C SER A 34 -0.63 17.20 1.26
N ASP A 35 -0.52 16.42 2.35
CA ASP A 35 0.61 16.56 3.26
C ASP A 35 1.98 16.52 2.61
N ILE A 36 2.10 15.75 1.52
CA ILE A 36 3.39 15.62 0.85
C ILE A 36 3.46 16.23 -0.55
N LEU A 37 2.52 17.11 -0.86
CA LEU A 37 2.48 17.78 -2.16
C LEU A 37 2.86 19.25 -2.00
N GLN A 38 3.59 19.77 -2.98
CA GLN A 38 4.02 21.16 -2.94
C GLN A 38 4.09 21.76 -4.35
N TYR A 39 3.46 22.91 -4.52
CA TYR A 39 3.45 23.59 -5.80
C TYR A 39 4.83 24.17 -6.12
N ASP A 40 5.28 23.98 -7.36
CA ASP A 40 6.56 24.50 -7.82
C ASP A 40 6.33 25.20 -9.16
N ALA A 41 6.36 26.53 -9.13
CA ALA A 41 6.13 27.33 -10.33
C ALA A 41 7.17 27.11 -11.42
N SER A 42 8.28 26.48 -11.08
CA SER A 42 9.35 26.23 -12.06
C SER A 42 9.06 25.04 -12.96
N LEU A 43 8.02 24.26 -12.62
CA LEU A 43 7.66 23.09 -13.41
C LEU A 43 6.89 23.54 -14.66
N THR A 44 7.60 23.63 -15.77
CA THR A 44 7.01 24.07 -17.03
C THR A 44 6.41 22.91 -17.83
N PRO A 45 5.59 23.22 -18.85
CA PRO A 45 4.96 22.21 -19.68
C PRO A 45 5.93 21.39 -20.52
N LEU A 46 5.71 20.09 -20.58
CA LEU A 46 6.55 19.23 -21.39
C LEU A 46 6.04 19.34 -22.81
N GLU A 47 6.91 19.09 -23.78
CA GLU A 47 6.54 19.15 -25.18
C GLU A 47 6.69 17.74 -25.73
N PHE A 48 5.65 17.25 -26.38
CA PHE A 48 5.66 15.91 -26.94
C PHE A 48 5.92 15.99 -28.42
N GLN A 49 7.08 15.50 -28.83
CA GLN A 49 7.52 15.54 -30.22
C GLN A 49 7.58 14.17 -30.87
N GLY A 50 7.11 14.09 -32.12
CA GLY A 50 7.14 12.84 -32.84
C GLY A 50 6.12 11.83 -32.34
N TYR A 51 5.16 12.30 -31.54
CA TYR A 51 4.11 11.45 -31.00
C TYR A 51 3.06 11.04 -32.03
N ASN A 52 2.96 11.81 -33.12
CA ASN A 52 1.99 11.47 -34.16
C ASN A 52 2.63 10.46 -35.09
N LEU A 53 2.56 9.19 -34.69
CA LEU A 53 3.15 8.09 -35.44
C LEU A 53 2.52 7.89 -36.81
N SER A 54 3.35 7.64 -37.81
CA SER A 54 2.85 7.44 -39.17
C SER A 54 1.92 6.24 -39.27
N ALA A 55 0.76 6.46 -39.88
CA ALA A 55 -0.21 5.38 -40.05
C ALA A 55 0.30 4.36 -41.06
N ASN A 56 1.38 4.71 -41.75
CA ASN A 56 1.97 3.80 -42.74
C ASN A 56 3.05 2.93 -42.12
N LYS A 57 3.22 3.07 -40.80
CA LYS A 57 4.19 2.26 -40.08
C LYS A 57 3.42 1.39 -39.10
N GLN A 58 3.96 0.20 -38.82
CA GLN A 58 3.32 -0.72 -37.88
C GLN A 58 4.15 -0.80 -36.62
N PHE A 59 3.47 -0.87 -35.48
CA PHE A 59 4.15 -0.96 -34.19
C PHE A 59 3.71 -2.23 -33.47
N LEU A 60 4.70 -2.92 -32.90
CA LEU A 60 4.47 -4.19 -32.23
C LEU A 60 3.79 -4.16 -30.86
N LEU A 61 2.67 -4.86 -30.77
CA LEU A 61 1.91 -4.98 -29.54
C LEU A 61 2.22 -6.39 -29.04
N THR A 62 2.66 -6.50 -27.78
CA THR A 62 3.03 -7.80 -27.22
C THR A 62 2.48 -8.05 -25.82
N ASN A 63 2.10 -9.30 -25.57
CA ASN A 63 1.65 -9.71 -24.25
C ASN A 63 2.93 -10.33 -23.68
N ASN A 64 3.57 -9.66 -22.73
CA ASN A 64 4.81 -10.17 -22.16
C ASN A 64 4.62 -10.95 -20.88
N GLY A 65 3.39 -11.33 -20.59
CA GLY A 65 3.11 -12.09 -19.38
C GLY A 65 2.93 -11.24 -18.13
N HIS A 66 3.18 -9.94 -18.24
CA HIS A 66 3.04 -9.03 -17.10
C HIS A 66 2.09 -7.88 -17.41
N SER A 67 1.97 -7.55 -18.69
CA SER A 67 1.09 -6.47 -19.15
C SER A 67 1.03 -6.58 -20.66
N VAL A 68 0.33 -5.64 -21.30
CA VAL A 68 0.28 -5.62 -22.75
C VAL A 68 1.08 -4.37 -23.08
N LYS A 69 2.08 -4.51 -23.94
CA LYS A 69 2.91 -3.37 -24.28
C LYS A 69 2.96 -3.09 -25.77
N LEU A 70 3.18 -1.83 -26.09
CA LEU A 70 3.28 -1.39 -27.47
C LEU A 70 4.68 -0.78 -27.62
N ASN A 71 5.44 -1.27 -28.59
CA ASN A 71 6.77 -0.73 -28.80
C ASN A 71 6.65 0.63 -29.48
N LEU A 72 7.47 1.58 -29.03
CA LEU A 72 7.46 2.92 -29.57
C LEU A 72 8.83 3.25 -30.16
N PRO A 73 8.86 4.09 -31.21
CA PRO A 73 10.10 4.48 -31.88
C PRO A 73 10.88 5.54 -31.11
N SER A 74 12.20 5.50 -31.23
CA SER A 74 13.06 6.45 -30.53
C SER A 74 12.94 7.86 -31.10
N ASP A 75 12.28 8.00 -32.25
CA ASP A 75 12.13 9.33 -32.83
C ASP A 75 11.05 10.15 -32.11
N MET A 76 10.21 9.51 -31.30
CA MET A 76 9.23 10.28 -30.56
C MET A 76 9.92 10.58 -29.23
N HIS A 77 9.81 11.81 -28.75
CA HIS A 77 10.49 12.17 -27.53
C HIS A 77 9.87 13.30 -26.74
N ILE A 78 10.38 13.46 -25.52
CA ILE A 78 9.92 14.50 -24.62
C ILE A 78 10.94 15.64 -24.58
N GLN A 79 10.43 16.86 -24.64
CA GLN A 79 11.28 18.05 -24.57
C GLN A 79 10.82 18.83 -23.35
N GLY A 80 11.77 19.36 -22.59
CA GLY A 80 11.42 20.12 -21.41
C GLY A 80 12.19 19.67 -20.17
N LEU A 81 12.81 18.49 -20.25
CA LEU A 81 13.59 17.99 -19.13
C LEU A 81 15.06 18.34 -19.34
N GLN A 82 15.88 18.10 -18.32
CA GLN A 82 17.31 18.43 -18.42
C GLN A 82 18.00 17.76 -19.60
N SER A 83 17.48 16.62 -20.03
CA SER A 83 18.05 15.90 -21.16
C SER A 83 16.90 15.43 -22.04
N ARG A 84 17.20 15.05 -23.27
CA ARG A 84 16.15 14.55 -24.14
C ARG A 84 15.87 13.11 -23.78
N TYR A 85 14.59 12.76 -23.69
CA TYR A 85 14.20 11.39 -23.40
C TYR A 85 13.39 10.87 -24.59
N SER A 86 13.84 9.76 -25.16
CA SER A 86 13.17 9.16 -26.30
C SER A 86 12.33 7.96 -25.87
N ALA A 87 11.20 7.76 -26.54
CA ALA A 87 10.29 6.67 -26.19
C ALA A 87 10.83 5.27 -26.51
N THR A 88 10.34 4.29 -25.76
CA THR A 88 10.72 2.90 -25.97
C THR A 88 9.48 2.01 -25.98
N GLN A 89 8.50 2.33 -25.13
CA GLN A 89 7.28 1.54 -25.08
C GLN A 89 6.22 2.15 -24.17
N LEU A 90 5.00 1.64 -24.28
CA LEU A 90 3.93 2.05 -23.39
C LEU A 90 3.24 0.76 -22.98
N HIS A 91 2.62 0.76 -21.81
CA HIS A 91 1.91 -0.42 -21.31
C HIS A 91 0.91 0.03 -20.26
N LEU A 92 0.13 -0.90 -19.73
CA LEU A 92 -0.87 -0.54 -18.74
C LEU A 92 -0.88 -1.42 -17.49
N HIS A 93 -1.62 -0.95 -16.50
CA HIS A 93 -1.78 -1.64 -15.22
C HIS A 93 -3.26 -1.53 -14.89
N TRP A 94 -3.87 -2.62 -14.43
CA TRP A 94 -5.29 -2.61 -14.12
C TRP A 94 -5.66 -3.59 -13.00
N GLY A 95 -6.93 -3.59 -12.63
CA GLY A 95 -7.40 -4.46 -11.57
C GLY A 95 -8.12 -5.69 -12.10
N ASN A 96 -9.39 -5.83 -11.72
CA ASN A 96 -10.18 -6.96 -12.19
C ASN A 96 -11.65 -6.59 -12.14
N PRO A 97 -12.52 -7.37 -12.82
CA PRO A 97 -13.96 -7.08 -12.84
C PRO A 97 -14.62 -6.83 -11.49
N ASN A 98 -14.19 -7.54 -10.46
CA ASN A 98 -14.79 -7.39 -9.13
C ASN A 98 -14.22 -6.21 -8.32
N ASP A 99 -13.08 -5.68 -8.76
CA ASP A 99 -12.45 -4.54 -8.09
C ASP A 99 -11.70 -3.79 -9.17
N PRO A 100 -12.44 -3.00 -9.99
CA PRO A 100 -11.91 -2.21 -11.11
C PRO A 100 -11.18 -0.94 -10.69
N HIS A 101 -10.17 -1.08 -9.83
CA HIS A 101 -9.42 0.05 -9.33
C HIS A 101 -7.95 -0.36 -9.27
N GLY A 102 -7.33 -0.52 -10.44
CA GLY A 102 -5.97 -0.97 -10.51
C GLY A 102 -4.86 -0.03 -10.93
N SER A 103 -5.03 1.28 -10.71
CA SER A 103 -3.95 2.19 -11.07
C SER A 103 -2.83 1.91 -10.07
N GLU A 104 -1.62 2.35 -10.40
CA GLU A 104 -0.48 2.15 -9.52
C GLU A 104 -0.42 3.32 -8.54
N HIS A 105 -0.38 4.53 -9.08
CA HIS A 105 -0.37 5.70 -8.22
C HIS A 105 -1.79 5.92 -7.75
N THR A 106 -1.93 6.48 -6.56
CA THR A 106 -3.24 6.78 -6.02
C THR A 106 -3.23 8.26 -5.64
N VAL A 107 -4.43 8.87 -5.60
CA VAL A 107 -4.55 10.28 -5.25
C VAL A 107 -5.47 10.36 -4.04
N SER A 108 -4.95 10.92 -2.96
CA SER A 108 -5.73 11.04 -1.72
C SER A 108 -6.29 9.67 -1.34
N GLY A 109 -5.43 8.64 -1.46
CA GLY A 109 -5.81 7.29 -1.11
C GLY A 109 -6.71 6.56 -2.09
N GLN A 110 -7.08 7.24 -3.18
CA GLN A 110 -7.97 6.65 -4.16
C GLN A 110 -7.28 6.10 -5.40
N HIS A 111 -7.61 4.86 -5.75
CA HIS A 111 -7.08 4.24 -6.95
C HIS A 111 -7.93 4.75 -8.10
N PHE A 112 -7.39 4.66 -9.30
CA PHE A 112 -8.15 4.99 -10.49
C PHE A 112 -8.33 3.62 -11.13
N ALA A 113 -9.19 3.52 -12.13
CA ALA A 113 -9.45 2.22 -12.74
C ALA A 113 -8.23 1.53 -13.31
N ALA A 114 -7.37 2.31 -13.97
CA ALA A 114 -6.17 1.76 -14.58
C ALA A 114 -5.15 2.88 -14.74
N GLU A 115 -3.99 2.53 -15.27
CA GLU A 115 -2.94 3.51 -15.47
C GLU A 115 -2.09 3.15 -16.68
N LEU A 116 -1.82 4.17 -17.51
CA LEU A 116 -1.01 4.02 -18.70
C LEU A 116 0.38 4.58 -18.43
N HIS A 117 1.41 3.86 -18.85
CA HIS A 117 2.79 4.30 -18.69
C HIS A 117 3.47 4.40 -20.05
N ILE A 118 3.98 5.58 -20.37
CA ILE A 118 4.71 5.79 -21.61
C ILE A 118 6.15 5.95 -21.17
N VAL A 119 6.95 4.92 -21.42
CA VAL A 119 8.35 4.87 -21.00
C VAL A 119 9.33 5.49 -21.99
N HIS A 120 10.24 6.31 -21.47
CA HIS A 120 11.28 6.97 -22.27
C HIS A 120 12.63 6.76 -21.59
N TYR A 121 13.71 6.86 -22.36
CA TYR A 121 15.05 6.71 -21.81
C TYR A 121 15.89 7.92 -22.20
N ASN A 122 16.91 8.20 -21.40
CA ASN A 122 17.80 9.33 -21.67
C ASN A 122 18.68 9.02 -22.87
N SER A 123 18.25 9.47 -24.04
CA SER A 123 18.99 9.23 -25.27
C SER A 123 20.22 10.12 -25.45
N ASP A 124 20.35 11.14 -24.60
CA ASP A 124 21.52 12.02 -24.68
C ASP A 124 22.71 11.36 -24.01
N LEU A 125 22.44 10.45 -23.07
CA LEU A 125 23.49 9.76 -22.34
C LEU A 125 23.61 8.28 -22.66
N TYR A 126 22.52 7.65 -23.06
CA TYR A 126 22.53 6.22 -23.36
C TYR A 126 21.95 5.87 -24.74
N PRO A 127 22.45 4.77 -25.33
CA PRO A 127 22.00 4.28 -26.65
C PRO A 127 20.61 3.65 -26.70
N ASP A 128 20.18 3.06 -25.59
CA ASP A 128 18.87 2.44 -25.55
C ASP A 128 18.31 2.32 -24.14
N ALA A 129 17.04 1.91 -24.04
CA ALA A 129 16.37 1.77 -22.76
C ALA A 129 17.03 0.72 -21.87
N SER A 130 17.47 -0.38 -22.46
CA SER A 130 18.11 -1.45 -21.71
C SER A 130 19.31 -0.96 -20.91
N THR A 131 20.20 -0.24 -21.58
CA THR A 131 21.39 0.27 -20.91
C THR A 131 21.09 1.41 -19.94
N ALA A 132 20.07 2.20 -20.26
CA ALA A 132 19.71 3.34 -19.43
C ALA A 132 18.95 2.96 -18.16
N SER A 133 18.20 1.86 -18.22
CA SER A 133 17.37 1.41 -17.10
C SER A 133 18.02 1.32 -15.73
N ASN A 134 19.29 0.94 -15.66
CA ASN A 134 19.95 0.82 -14.35
C ASN A 134 21.02 1.89 -14.12
N LYS A 135 20.88 3.03 -14.81
CA LYS A 135 21.85 4.11 -14.68
C LYS A 135 21.22 5.45 -14.29
N SER A 136 22.04 6.33 -13.75
CA SER A 136 21.60 7.65 -13.31
C SER A 136 20.76 8.39 -14.35
N GLU A 137 19.64 8.93 -13.91
CA GLU A 137 18.72 9.67 -14.77
C GLU A 137 18.47 8.95 -16.09
N GLY A 138 18.43 7.63 -16.03
CA GLY A 138 18.24 6.85 -17.23
C GLY A 138 16.85 6.82 -17.84
N LEU A 139 15.81 6.93 -17.01
CA LEU A 139 14.45 6.85 -17.51
C LEU A 139 13.51 7.97 -17.08
N ALA A 140 12.47 8.17 -17.89
CA ALA A 140 11.43 9.16 -17.62
C ALA A 140 10.13 8.48 -18.07
N VAL A 141 9.18 8.36 -17.16
CA VAL A 141 7.91 7.73 -17.50
C VAL A 141 6.76 8.71 -17.32
N LEU A 142 5.83 8.71 -18.27
CA LEU A 142 4.65 9.57 -18.19
C LEU A 142 3.53 8.63 -17.76
N ALA A 143 2.78 9.03 -16.73
CA ALA A 143 1.68 8.22 -16.23
C ALA A 143 0.36 8.93 -16.45
N VAL A 144 -0.59 8.20 -17.03
CA VAL A 144 -1.94 8.73 -17.27
C VAL A 144 -2.92 7.89 -16.45
N LEU A 145 -3.65 8.55 -15.57
CA LEU A 145 -4.64 7.88 -14.74
C LEU A 145 -5.88 7.68 -15.59
N ILE A 146 -6.49 6.50 -15.50
CA ILE A 146 -7.66 6.16 -16.29
C ILE A 146 -8.87 5.83 -15.42
N GLU A 147 -10.03 6.40 -15.79
CA GLU A 147 -11.26 6.13 -15.06
C GLU A 147 -12.36 5.74 -16.04
N MET A 148 -13.40 5.11 -15.53
CA MET A 148 -14.51 4.68 -16.37
C MET A 148 -15.38 5.88 -16.71
N GLY A 149 -15.75 5.97 -17.98
CA GLY A 149 -16.58 7.08 -18.42
C GLY A 149 -16.97 6.91 -19.86
N SER A 150 -16.80 7.95 -20.66
CA SER A 150 -17.16 7.90 -22.07
C SER A 150 -16.20 7.02 -22.88
N PHE A 151 -16.71 6.47 -23.98
CA PHE A 151 -15.91 5.64 -24.87
C PHE A 151 -14.75 6.47 -25.40
N ASN A 152 -13.57 5.86 -25.46
CA ASN A 152 -12.38 6.55 -25.92
C ASN A 152 -11.86 5.92 -27.22
N PRO A 153 -12.16 6.55 -28.37
CA PRO A 153 -11.73 6.04 -29.68
C PRO A 153 -10.21 5.88 -29.79
N SER A 154 -9.46 6.76 -29.15
CA SER A 154 -8.01 6.70 -29.22
C SER A 154 -7.43 5.51 -28.47
N TYR A 155 -7.94 5.24 -27.27
CA TYR A 155 -7.43 4.09 -26.53
C TYR A 155 -7.89 2.81 -27.24
N ASP A 156 -8.99 2.88 -27.97
CA ASP A 156 -9.46 1.70 -28.66
C ASP A 156 -8.54 1.32 -29.81
N LYS A 157 -7.68 2.25 -30.22
CA LYS A 157 -6.75 1.94 -31.30
C LYS A 157 -5.79 0.87 -30.80
N ILE A 158 -5.71 0.74 -29.46
CA ILE A 158 -4.88 -0.28 -28.85
C ILE A 158 -5.78 -1.44 -28.41
N PHE A 159 -6.85 -1.13 -27.69
CA PHE A 159 -7.75 -2.16 -27.18
C PHE A 159 -8.44 -3.05 -28.22
N SER A 160 -8.64 -2.54 -29.43
CA SER A 160 -9.28 -3.34 -30.47
C SER A 160 -8.43 -4.53 -30.88
N HIS A 161 -7.17 -4.54 -30.45
CA HIS A 161 -6.25 -5.63 -30.78
C HIS A 161 -6.03 -6.62 -29.62
N LEU A 162 -6.65 -6.35 -28.47
CA LEU A 162 -6.50 -7.21 -27.30
C LEU A 162 -6.78 -8.69 -27.52
N GLN A 163 -7.83 -9.00 -28.28
CA GLN A 163 -8.19 -10.39 -28.52
C GLN A 163 -7.17 -11.12 -29.40
N HIS A 164 -6.15 -10.40 -29.87
CA HIS A 164 -5.12 -11.01 -30.70
C HIS A 164 -3.78 -11.16 -29.96
N VAL A 165 -3.76 -10.76 -28.70
CA VAL A 165 -2.55 -10.88 -27.87
C VAL A 165 -2.99 -11.42 -26.51
N LYS A 166 -4.00 -12.28 -26.53
CA LYS A 166 -4.56 -12.87 -25.33
C LYS A 166 -3.60 -13.65 -24.44
N TYR A 167 -2.65 -14.36 -25.05
CA TYR A 167 -1.71 -15.16 -24.27
C TYR A 167 -0.26 -14.71 -24.33
N LYS A 168 0.49 -15.08 -23.30
CA LYS A 168 1.89 -14.72 -23.18
C LYS A 168 2.71 -15.03 -24.43
N GLY A 169 3.49 -14.04 -24.87
CA GLY A 169 4.34 -14.21 -26.03
C GLY A 169 3.71 -13.81 -27.35
N GLN A 170 2.38 -13.74 -27.38
CA GLN A 170 1.68 -13.38 -28.61
C GLN A 170 1.90 -11.93 -28.99
N GLU A 171 1.86 -11.65 -30.29
CA GLU A 171 2.07 -10.30 -30.79
C GLU A 171 1.10 -9.93 -31.90
N ALA A 172 0.93 -8.63 -32.10
CA ALA A 172 0.04 -8.12 -33.14
C ALA A 172 0.61 -6.79 -33.60
N PHE A 173 0.20 -6.33 -34.77
CA PHE A 173 0.70 -5.07 -35.28
C PHE A 173 -0.36 -3.98 -35.22
N VAL A 174 0.04 -2.82 -34.71
CA VAL A 174 -0.85 -1.68 -34.59
C VAL A 174 -0.36 -0.56 -35.49
N PRO A 175 -1.20 -0.11 -36.43
CA PRO A 175 -0.78 0.98 -37.32
C PRO A 175 -0.54 2.23 -36.47
N GLY A 176 0.44 3.03 -36.84
CA GLY A 176 0.73 4.22 -36.07
C GLY A 176 -0.46 5.16 -35.95
N PHE A 177 -0.56 5.82 -34.80
CA PHE A 177 -1.60 6.80 -34.56
C PHE A 177 -1.00 7.85 -33.64
N ASN A 178 -1.73 8.92 -33.39
CA ASN A 178 -1.21 9.99 -32.55
C ASN A 178 -1.28 9.64 -31.06
N ILE A 179 -0.13 9.27 -30.50
CA ILE A 179 -0.03 8.89 -29.09
C ILE A 179 -0.46 10.02 -28.15
N GLU A 180 -0.35 11.27 -28.59
CA GLU A 180 -0.75 12.38 -27.75
C GLU A 180 -2.25 12.29 -27.44
N GLU A 181 -2.97 11.54 -28.27
CA GLU A 181 -4.41 11.34 -28.08
C GLU A 181 -4.69 10.53 -26.82
N LEU A 182 -3.67 9.88 -26.27
CA LEU A 182 -3.84 9.07 -25.06
C LEU A 182 -3.61 9.93 -23.81
N LEU A 183 -3.14 11.15 -24.00
CA LEU A 183 -2.88 12.05 -22.89
C LEU A 183 -4.14 12.79 -22.48
N PRO A 184 -4.25 13.15 -21.19
CA PRO A 184 -5.41 13.86 -20.66
C PRO A 184 -5.41 15.35 -20.99
N GLU A 185 -6.46 16.05 -20.56
CA GLU A 185 -6.56 17.47 -20.79
C GLU A 185 -5.57 18.18 -19.85
N ARG A 186 -5.08 19.33 -20.31
CA ARG A 186 -4.15 20.14 -19.53
C ARG A 186 -2.93 19.38 -19.02
N THR A 187 -2.15 18.82 -19.94
CA THR A 187 -0.95 18.08 -19.58
C THR A 187 0.08 18.96 -18.85
N ALA A 188 -0.12 20.27 -18.91
CA ALA A 188 0.78 21.20 -18.24
C ALA A 188 0.69 21.00 -16.73
N GLU A 189 -0.40 20.38 -16.28
CA GLU A 189 -0.63 20.12 -14.87
C GLU A 189 -0.26 18.68 -14.53
N TYR A 190 0.74 18.52 -13.68
CA TYR A 190 1.22 17.20 -13.32
C TYR A 190 1.93 17.13 -11.98
N TYR A 191 2.18 15.90 -11.53
CA TYR A 191 2.90 15.62 -10.29
C TYR A 191 4.29 15.17 -10.76
N ARG A 192 5.33 15.56 -10.02
CA ARG A 192 6.70 15.21 -10.40
C ARG A 192 7.52 14.73 -9.20
N TYR A 193 8.19 13.59 -9.37
CA TYR A 193 9.04 13.07 -8.30
C TYR A 193 10.01 12.02 -8.84
N ARG A 194 11.10 11.80 -8.11
CA ARG A 194 12.10 10.81 -8.49
C ARG A 194 11.69 9.47 -7.91
N GLY A 195 11.60 8.46 -8.77
CA GLY A 195 11.18 7.16 -8.31
C GLY A 195 11.87 5.99 -8.98
N SER A 196 11.13 4.90 -9.08
CA SER A 196 11.69 3.67 -9.65
C SER A 196 10.75 2.98 -10.61
N LEU A 197 11.27 1.91 -11.21
CA LEU A 197 10.45 1.09 -12.07
C LEU A 197 9.51 0.45 -11.04
N THR A 198 8.26 0.23 -11.41
CA THR A 198 7.31 -0.36 -10.47
C THR A 198 7.27 -1.89 -10.61
N THR A 199 8.19 -2.42 -11.40
CA THR A 199 8.29 -3.87 -11.58
C THR A 199 9.76 -4.23 -11.47
N PRO A 200 10.06 -5.48 -11.12
CA PRO A 200 11.46 -5.90 -11.01
C PRO A 200 12.20 -5.51 -12.29
N PRO A 201 13.46 -5.09 -12.20
CA PRO A 201 14.32 -4.95 -11.01
C PRO A 201 14.09 -3.75 -10.07
N CYS A 202 13.06 -2.95 -10.33
CA CYS A 202 12.73 -1.80 -9.49
C CYS A 202 13.84 -0.75 -9.38
N ASN A 203 14.64 -0.59 -10.43
CA ASN A 203 15.74 0.38 -10.38
C ASN A 203 15.22 1.79 -10.08
N PRO A 204 15.88 2.49 -9.13
CA PRO A 204 15.49 3.85 -8.74
C PRO A 204 16.04 4.87 -9.73
N THR A 205 15.71 4.69 -11.00
CA THR A 205 16.22 5.52 -12.08
C THR A 205 15.14 6.23 -12.90
N VAL A 206 13.93 6.31 -12.37
CA VAL A 206 12.84 6.93 -13.10
C VAL A 206 12.38 8.30 -12.62
N LEU A 207 12.32 9.25 -13.55
CA LEU A 207 11.81 10.58 -13.24
C LEU A 207 10.34 10.45 -13.60
N TRP A 208 9.47 10.47 -12.59
CA TRP A 208 8.04 10.31 -12.83
C TRP A 208 7.27 11.61 -13.05
N THR A 209 6.36 11.55 -14.01
CA THR A 209 5.48 12.66 -14.31
C THR A 209 4.10 12.03 -14.38
N VAL A 210 3.26 12.33 -13.39
CA VAL A 210 1.91 11.78 -13.37
C VAL A 210 0.98 12.94 -13.67
N PHE A 211 0.23 12.86 -14.77
CA PHE A 211 -0.66 13.96 -15.10
C PHE A 211 -1.78 14.08 -14.09
N ARG A 212 -2.16 15.33 -13.81
CA ARG A 212 -3.19 15.60 -12.82
C ARG A 212 -4.57 15.06 -13.19
N ASN A 213 -4.97 15.27 -14.44
CA ASN A 213 -6.28 14.86 -14.88
C ASN A 213 -6.32 13.47 -15.51
N PRO A 214 -7.38 12.72 -15.23
CA PRO A 214 -7.51 11.37 -15.80
C PRO A 214 -8.18 11.41 -17.15
N VAL A 215 -8.08 10.32 -17.88
CA VAL A 215 -8.77 10.18 -19.15
C VAL A 215 -9.88 9.19 -18.84
N GLN A 216 -10.86 9.10 -19.72
CA GLN A 216 -11.97 8.17 -19.53
C GLN A 216 -12.01 7.14 -20.64
N ILE A 217 -12.42 5.93 -20.27
CA ILE A 217 -12.63 4.86 -21.25
C ILE A 217 -13.96 4.24 -20.82
N SER A 218 -14.66 3.59 -21.74
CA SER A 218 -15.97 3.03 -21.39
C SER A 218 -15.88 1.79 -20.52
N GLN A 219 -17.01 1.46 -19.92
CA GLN A 219 -17.10 0.29 -19.07
C GLN A 219 -16.66 -0.93 -19.87
N GLU A 220 -17.10 -1.00 -21.12
CA GLU A 220 -16.76 -2.10 -22.00
C GLU A 220 -15.26 -2.17 -22.29
N GLN A 221 -14.65 -1.01 -22.53
CA GLN A 221 -13.22 -0.98 -22.78
C GLN A 221 -12.44 -1.44 -21.55
N LEU A 222 -12.85 -0.98 -20.38
CA LEU A 222 -12.17 -1.37 -19.15
C LEU A 222 -12.35 -2.87 -18.90
N LEU A 223 -13.56 -3.39 -19.13
CA LEU A 223 -13.80 -4.80 -18.92
C LEU A 223 -12.96 -5.64 -19.88
N ALA A 224 -12.81 -5.18 -21.12
CA ALA A 224 -12.02 -5.91 -22.10
C ALA A 224 -10.57 -5.98 -21.62
N LEU A 225 -10.06 -4.87 -21.13
CA LEU A 225 -8.68 -4.84 -20.64
C LEU A 225 -8.50 -5.80 -19.46
N GLU A 226 -9.52 -5.88 -18.61
CA GLU A 226 -9.48 -6.73 -17.42
C GLU A 226 -9.78 -8.21 -17.67
N THR A 227 -10.23 -8.55 -18.87
CA THR A 227 -10.59 -9.94 -19.16
C THR A 227 -9.95 -10.61 -20.36
N ALA A 228 -9.46 -9.83 -21.30
CA ALA A 228 -8.88 -10.38 -22.53
C ALA A 228 -7.51 -11.03 -22.42
N LEU A 229 -6.76 -10.70 -21.38
CA LEU A 229 -5.39 -11.21 -21.28
C LEU A 229 -5.08 -12.25 -20.22
N TYR A 230 -4.16 -13.14 -20.56
CA TYR A 230 -3.70 -14.18 -19.66
C TYR A 230 -2.18 -14.10 -19.59
N CYS A 231 -1.61 -14.40 -18.42
CA CYS A 231 -0.17 -14.33 -18.26
C CYS A 231 0.48 -15.66 -18.65
N THR A 232 -0.34 -16.62 -19.05
CA THR A 232 0.14 -17.94 -19.44
C THR A 232 0.04 -18.17 -20.96
N HIS A 233 0.85 -19.11 -21.46
CA HIS A 233 0.84 -19.43 -22.88
C HIS A 233 -0.52 -20.00 -23.27
N MET A 234 -0.86 -19.92 -24.55
CA MET A 234 -2.14 -20.41 -25.04
C MET A 234 -2.30 -21.92 -24.85
N ASP A 235 -1.21 -22.66 -25.02
CA ASP A 235 -1.24 -24.11 -24.89
C ASP A 235 -1.08 -24.57 -23.44
N ASP A 236 -1.52 -23.74 -22.49
CA ASP A 236 -1.42 -24.08 -21.09
C ASP A 236 -2.75 -24.62 -20.55
N PRO A 237 -2.76 -25.88 -20.10
CA PRO A 237 -3.96 -26.54 -19.56
C PRO A 237 -4.61 -25.77 -18.41
N SER A 238 -3.81 -24.99 -17.70
CA SER A 238 -4.30 -24.20 -16.58
C SER A 238 -4.02 -22.71 -16.79
N PRO A 239 -4.89 -22.03 -17.56
CA PRO A 239 -4.71 -20.61 -17.84
C PRO A 239 -4.81 -19.73 -16.60
N ARG A 240 -4.04 -18.65 -16.58
CA ARG A 240 -4.03 -17.71 -15.47
C ARG A 240 -4.32 -16.31 -16.00
N GLU A 241 -5.39 -15.71 -15.52
CA GLU A 241 -5.80 -14.38 -15.97
C GLU A 241 -4.83 -13.29 -15.56
N MET A 242 -4.58 -12.36 -16.48
CA MET A 242 -3.71 -11.24 -16.20
C MET A 242 -4.58 -10.14 -15.61
N ILE A 243 -4.64 -10.10 -14.28
CA ILE A 243 -5.44 -9.11 -13.56
C ILE A 243 -4.64 -8.62 -12.36
N ASN A 244 -5.05 -7.48 -11.82
CA ASN A 244 -4.41 -6.89 -10.65
C ASN A 244 -2.90 -6.78 -10.81
N ASN A 245 -2.47 -6.35 -11.99
CA ASN A 245 -1.05 -6.22 -12.27
C ASN A 245 -0.51 -4.83 -11.95
N PHE A 246 -0.68 -4.43 -10.69
CA PHE A 246 -0.20 -3.15 -10.18
C PHE A 246 0.50 -3.40 -8.86
N ARG A 247 1.48 -2.56 -8.54
CA ARG A 247 2.21 -2.69 -7.29
C ARG A 247 1.56 -1.82 -6.23
N GLN A 248 1.58 -2.27 -4.97
CA GLN A 248 1.01 -1.47 -3.88
C GLN A 248 1.85 -0.20 -3.73
N VAL A 249 1.25 0.87 -3.23
CA VAL A 249 2.00 2.09 -3.02
C VAL A 249 3.06 1.86 -1.95
N GLN A 250 4.17 2.59 -2.08
CA GLN A 250 5.32 2.48 -1.19
C GLN A 250 5.38 3.60 -0.16
N LYS A 251 6.13 3.40 0.92
CA LYS A 251 6.30 4.43 1.93
C LYS A 251 6.96 5.62 1.23
N PHE A 252 6.57 6.83 1.61
CA PHE A 252 7.15 8.04 1.03
C PHE A 252 7.31 9.00 2.21
N ASP A 253 8.49 8.98 2.81
CA ASP A 253 8.77 9.82 3.97
C ASP A 253 9.94 10.78 3.81
N GLU A 254 9.86 11.91 4.51
CA GLU A 254 10.90 12.95 4.49
C GLU A 254 11.03 13.58 3.12
N ARG A 255 10.07 13.32 2.24
CA ARG A 255 10.13 13.84 0.89
C ARG A 255 8.87 14.56 0.43
N LEU A 256 8.97 15.23 -0.72
CA LEU A 256 7.85 15.94 -1.29
C LEU A 256 7.68 15.64 -2.77
N VAL A 257 6.44 15.67 -3.22
CA VAL A 257 6.14 15.48 -4.64
C VAL A 257 5.78 16.90 -5.05
N TYR A 258 6.38 17.39 -6.13
CA TYR A 258 6.08 18.73 -6.57
C TYR A 258 5.05 18.73 -7.68
N THR A 259 4.19 19.74 -7.66
CA THR A 259 3.13 19.86 -8.65
C THR A 259 3.28 21.13 -9.47
N SER A 260 2.81 21.08 -10.71
CA SER A 260 2.89 22.25 -11.58
C SER A 260 1.59 23.04 -11.48
N PHE A 261 0.74 22.65 -10.54
CA PHE A 261 -0.53 23.33 -10.31
C PHE A 261 -0.68 23.61 -8.82
N SER A 262 -1.41 24.67 -8.48
CA SER A 262 -1.59 25.03 -7.07
C SER A 262 -2.78 24.32 -6.44
N TRP B 4 14.47 -6.94 12.28
CA TRP B 4 13.67 -6.28 11.21
C TRP B 4 13.32 -4.84 11.61
N THR B 5 12.98 -4.03 10.62
CA THR B 5 12.61 -2.64 10.85
C THR B 5 11.49 -2.23 9.90
N TYR B 6 11.06 -0.97 9.98
CA TYR B 6 10.02 -0.44 9.11
C TYR B 6 10.62 0.44 8.02
N PHE B 7 11.94 0.44 7.92
CA PHE B 7 12.63 1.23 6.92
C PHE B 7 14.04 0.72 6.73
N GLY B 8 14.57 0.85 5.51
CA GLY B 8 15.92 0.39 5.24
C GLY B 8 15.99 -1.01 4.64
N PRO B 9 17.20 -1.57 4.52
CA PRO B 9 17.41 -2.91 3.95
C PRO B 9 16.62 -3.99 4.67
N ASP B 10 16.26 -3.73 5.92
CA ASP B 10 15.49 -4.70 6.70
C ASP B 10 14.03 -4.24 6.78
N GLY B 11 13.66 -3.34 5.88
CA GLY B 11 12.30 -2.82 5.83
C GLY B 11 11.27 -3.83 5.38
N GLU B 12 10.00 -3.42 5.38
CA GLU B 12 8.91 -4.34 5.02
C GLU B 12 9.00 -5.08 3.70
N ASN B 13 9.61 -4.49 2.67
CA ASN B 13 9.71 -5.19 1.41
C ASN B 13 10.72 -6.34 1.49
N SER B 14 11.53 -6.34 2.54
CA SER B 14 12.54 -7.38 2.71
C SER B 14 12.22 -8.39 3.82
N TRP B 15 11.11 -8.19 4.53
CA TRP B 15 10.75 -9.12 5.61
C TRP B 15 10.68 -10.57 5.15
N SER B 16 10.17 -10.80 3.96
CA SER B 16 10.03 -12.16 3.42
C SER B 16 11.35 -12.93 3.29
N LYS B 17 12.47 -12.20 3.25
CA LYS B 17 13.78 -12.84 3.12
C LYS B 17 14.05 -13.73 4.32
N LYS B 18 13.65 -13.26 5.52
CA LYS B 18 13.87 -14.01 6.74
C LYS B 18 12.59 -14.65 7.30
N TYR B 19 11.46 -14.00 7.06
CA TYR B 19 10.18 -14.48 7.55
C TYR B 19 9.25 -14.81 6.38
N PRO B 20 9.27 -16.07 5.91
CA PRO B 20 8.46 -16.55 4.79
C PRO B 20 6.99 -16.15 4.78
N SER B 21 6.33 -16.19 5.94
CA SER B 21 4.92 -15.84 5.98
C SER B 21 4.63 -14.39 5.57
N CYS B 22 5.61 -13.51 5.68
CA CYS B 22 5.39 -12.12 5.31
C CYS B 22 5.20 -11.97 3.81
N GLY B 23 5.57 -13.01 3.06
CA GLY B 23 5.41 -13.00 1.62
C GLY B 23 4.34 -14.02 1.24
N GLY B 24 3.63 -14.52 2.24
CA GLY B 24 2.60 -15.50 2.00
C GLY B 24 1.20 -14.92 1.86
N LEU B 25 0.20 -15.78 2.09
CA LEU B 25 -1.20 -15.39 1.97
C LEU B 25 -1.77 -14.74 3.22
N LEU B 26 -2.99 -14.22 3.06
CA LEU B 26 -3.75 -13.59 4.14
C LEU B 26 -3.03 -12.51 4.93
N GLN B 27 -2.23 -11.70 4.25
CA GLN B 27 -1.48 -10.65 4.91
C GLN B 27 -2.30 -9.40 5.26
N SER B 28 -1.99 -8.84 6.43
CA SER B 28 -2.63 -7.63 6.93
C SER B 28 -1.55 -6.56 7.04
N PRO B 29 -1.94 -5.28 7.11
CA PRO B 29 -3.30 -4.72 7.11
C PRO B 29 -3.85 -4.60 5.69
N ILE B 30 -5.11 -4.21 5.59
CA ILE B 30 -5.78 -4.07 4.30
C ILE B 30 -6.61 -2.80 4.25
N ASP B 31 -7.07 -2.46 3.05
CA ASP B 31 -7.92 -1.29 2.87
C ASP B 31 -9.35 -1.79 2.97
N LEU B 32 -10.08 -1.29 3.95
CA LEU B 32 -11.46 -1.67 4.16
C LEU B 32 -12.29 -0.77 3.25
N HIS B 33 -12.65 -1.31 2.08
CA HIS B 33 -13.43 -0.59 1.09
C HIS B 33 -14.57 -1.44 0.53
N SER B 34 -15.66 -0.78 0.17
CA SER B 34 -16.86 -1.43 -0.36
C SER B 34 -16.67 -2.68 -1.22
N ASP B 35 -15.80 -2.60 -2.22
CA ASP B 35 -15.55 -3.71 -3.14
C ASP B 35 -15.32 -5.08 -2.48
N ILE B 36 -14.77 -5.09 -1.27
CA ILE B 36 -14.48 -6.35 -0.59
C ILE B 36 -15.31 -6.58 0.68
N LEU B 37 -16.26 -5.68 0.93
CA LEU B 37 -17.10 -5.75 2.12
C LEU B 37 -18.39 -6.57 1.92
N GLN B 38 -18.92 -7.08 3.01
CA GLN B 38 -20.15 -7.86 2.98
C GLN B 38 -20.84 -7.88 4.35
N TYR B 39 -22.04 -7.33 4.42
CA TYR B 39 -22.79 -7.28 5.67
C TYR B 39 -23.19 -8.67 6.16
N ASP B 40 -22.98 -8.92 7.45
CA ASP B 40 -23.31 -10.21 8.05
C ASP B 40 -24.02 -10.01 9.38
N ALA B 41 -25.26 -10.49 9.46
CA ALA B 41 -26.06 -10.35 10.68
C ALA B 41 -25.62 -11.28 11.81
N SER B 42 -24.82 -12.28 11.49
CA SER B 42 -24.33 -13.21 12.50
C SER B 42 -23.27 -12.56 13.39
N LEU B 43 -22.76 -11.42 12.95
CA LEU B 43 -21.74 -10.71 13.71
C LEU B 43 -22.36 -9.91 14.84
N THR B 44 -22.59 -10.58 15.97
CA THR B 44 -23.17 -9.95 17.14
C THR B 44 -22.14 -9.20 17.95
N PRO B 45 -22.58 -8.34 18.89
CA PRO B 45 -21.65 -7.57 19.72
C PRO B 45 -20.72 -8.41 20.59
N LEU B 46 -19.47 -7.98 20.69
CA LEU B 46 -18.50 -8.68 21.51
C LEU B 46 -18.64 -8.17 22.93
N GLU B 47 -18.25 -8.99 23.89
CA GLU B 47 -18.30 -8.59 25.28
C GLU B 47 -16.87 -8.57 25.78
N PHE B 48 -16.48 -7.44 26.39
CA PHE B 48 -15.12 -7.30 26.89
C PHE B 48 -15.14 -7.50 28.40
N GLN B 49 -14.68 -8.68 28.82
CA GLN B 49 -14.69 -9.04 30.23
C GLN B 49 -13.31 -8.98 30.88
N GLY B 50 -13.29 -8.50 32.12
CA GLY B 50 -12.03 -8.39 32.85
C GLY B 50 -11.17 -7.25 32.34
N TYR B 51 -11.77 -6.33 31.60
CA TYR B 51 -11.05 -5.18 31.05
C TYR B 51 -10.81 -4.09 32.08
N ASN B 52 -11.58 -4.10 33.17
CA ASN B 52 -11.41 -3.10 34.20
C ASN B 52 -10.30 -3.55 35.14
N LEU B 53 -9.07 -3.29 34.72
CA LEU B 53 -7.90 -3.68 35.49
C LEU B 53 -7.81 -2.97 36.82
N SER B 54 -7.45 -3.73 37.85
CA SER B 54 -7.32 -3.20 39.21
C SER B 54 -6.33 -2.05 39.28
N ALA B 55 -6.78 -0.92 39.80
CA ALA B 55 -5.93 0.26 39.94
C ALA B 55 -4.86 0.03 40.99
N ASN B 56 -5.01 -1.05 41.75
CA ASN B 56 -4.06 -1.39 42.81
C ASN B 56 -2.98 -2.33 42.29
N LYS B 57 -3.06 -2.66 41.00
CA LYS B 57 -2.08 -3.55 40.37
C LYS B 57 -1.33 -2.75 39.30
N GLN B 58 -0.08 -3.14 39.03
CA GLN B 58 0.73 -2.47 38.03
C GLN B 58 0.89 -3.34 36.80
N PHE B 59 0.91 -2.71 35.62
CA PHE B 59 1.07 -3.45 34.38
C PHE B 59 2.28 -2.92 33.63
N LEU B 60 3.05 -3.84 33.06
CA LEU B 60 4.29 -3.49 32.37
C LEU B 60 4.19 -2.84 30.99
N LEU B 61 4.77 -1.65 30.89
CA LEU B 61 4.82 -0.88 29.65
C LEU B 61 6.23 -1.05 29.13
N THR B 62 6.38 -1.38 27.85
CA THR B 62 7.70 -1.60 27.28
C THR B 62 7.90 -0.98 25.90
N ASN B 63 9.09 -0.43 25.68
CA ASN B 63 9.45 0.10 24.37
C ASN B 63 10.30 -1.05 23.82
N ASN B 64 9.78 -1.77 22.83
CA ASN B 64 10.53 -2.91 22.28
C ASN B 64 11.29 -2.58 21.00
N GLY B 65 11.40 -1.28 20.71
CA GLY B 65 12.11 -0.87 19.51
C GLY B 65 11.25 -0.82 18.26
N HIS B 66 10.04 -1.36 18.33
CA HIS B 66 9.12 -1.38 17.20
C HIS B 66 7.84 -0.61 17.53
N SER B 67 7.50 -0.57 18.82
CA SER B 67 6.29 0.11 19.29
C SER B 67 6.39 0.23 20.79
N VAL B 68 5.34 0.76 21.40
CA VAL B 68 5.26 0.85 22.86
C VAL B 68 4.12 -0.12 23.17
N LYS B 69 4.39 -1.09 24.04
CA LYS B 69 3.37 -2.08 24.38
C LYS B 69 3.10 -2.13 25.87
N LEU B 70 1.90 -2.57 26.22
CA LEU B 70 1.49 -2.72 27.61
C LEU B 70 1.07 -4.18 27.76
N ASN B 71 1.66 -4.87 28.72
CA ASN B 71 1.31 -6.27 28.96
C ASN B 71 -0.07 -6.32 29.61
N LEU B 72 -0.89 -7.26 29.16
CA LEU B 72 -2.24 -7.43 29.70
C LEU B 72 -2.37 -8.82 30.31
N PRO B 73 -3.17 -8.96 31.38
CA PRO B 73 -3.39 -10.23 32.07
C PRO B 73 -4.32 -11.16 31.31
N SER B 74 -4.05 -12.46 31.39
CA SER B 74 -4.86 -13.44 30.69
C SER B 74 -6.29 -13.56 31.22
N ASP B 75 -6.58 -12.90 32.35
CA ASP B 75 -7.94 -12.98 32.88
C ASP B 75 -8.88 -12.05 32.11
N MET B 76 -8.33 -11.13 31.32
CA MET B 76 -9.23 -10.31 30.53
C MET B 76 -9.38 -11.03 29.20
N HIS B 77 -10.61 -11.07 28.69
CA HIS B 77 -10.84 -11.77 27.44
C HIS B 77 -12.06 -11.27 26.70
N ILE B 78 -12.16 -11.73 25.45
CA ILE B 78 -13.27 -11.38 24.59
C ILE B 78 -14.29 -12.49 24.66
N GLN B 79 -15.56 -12.09 24.73
CA GLN B 79 -16.67 -13.02 24.79
C GLN B 79 -17.53 -12.67 23.58
N GLY B 80 -18.04 -13.70 22.90
CA GLY B 80 -18.85 -13.44 21.73
C GLY B 80 -18.35 -14.19 20.51
N LEU B 81 -17.08 -14.57 20.53
CA LEU B 81 -16.49 -15.31 19.42
C LEU B 81 -16.69 -16.80 19.70
N GLN B 82 -16.35 -17.64 18.73
CA GLN B 82 -16.49 -19.08 18.86
C GLN B 82 -15.72 -19.62 20.07
N SER B 83 -14.47 -19.21 20.20
CA SER B 83 -13.62 -19.63 21.31
C SER B 83 -13.36 -18.42 22.18
N ARG B 84 -12.89 -18.62 23.40
CA ARG B 84 -12.56 -17.50 24.25
C ARG B 84 -11.15 -17.07 23.85
N TYR B 85 -10.94 -15.77 23.72
CA TYR B 85 -9.61 -15.24 23.40
C TYR B 85 -9.20 -14.38 24.59
N SER B 86 -8.05 -14.71 25.18
CA SER B 86 -7.53 -13.99 26.34
C SER B 86 -6.47 -12.99 25.92
N ALA B 87 -6.47 -11.83 26.56
CA ALA B 87 -5.51 -10.78 26.22
C ALA B 87 -4.07 -11.10 26.58
N THR B 88 -3.15 -10.51 25.82
CA THR B 88 -1.73 -10.69 26.06
C THR B 88 -1.01 -9.34 26.08
N GLN B 89 -1.45 -8.40 25.23
CA GLN B 89 -0.81 -7.09 25.18
C GLN B 89 -1.55 -6.14 24.26
N LEU B 90 -1.23 -4.85 24.36
CA LEU B 90 -1.77 -3.85 23.47
C LEU B 90 -0.58 -2.99 23.07
N HIS B 91 -0.67 -2.38 21.90
CA HIS B 91 0.40 -1.53 21.39
C HIS B 91 -0.16 -0.62 20.32
N LEU B 92 0.66 0.30 19.82
CA LEU B 92 0.20 1.25 18.81
C LEU B 92 1.09 1.36 17.58
N HIS B 93 0.52 2.00 16.56
CA HIS B 93 1.22 2.25 15.29
C HIS B 93 0.89 3.69 14.92
N TRP B 94 1.88 4.43 14.44
CA TRP B 94 1.65 5.83 14.08
C TRP B 94 2.56 6.31 12.96
N GLY B 95 2.34 7.55 12.52
CA GLY B 95 3.14 8.12 11.44
C GLY B 95 4.23 9.07 11.91
N ASN B 96 4.14 10.32 11.46
CA ASN B 96 5.14 11.33 11.84
C ASN B 96 4.50 12.72 11.77
N PRO B 97 5.12 13.73 12.41
CA PRO B 97 4.58 15.09 12.40
C PRO B 97 4.27 15.72 11.05
N ASN B 98 5.12 15.46 10.05
CA ASN B 98 4.90 16.04 8.73
C ASN B 98 3.86 15.32 7.88
N ASP B 99 3.50 14.11 8.29
CA ASP B 99 2.51 13.30 7.58
C ASP B 99 1.90 12.39 8.65
N PRO B 100 1.04 12.97 9.51
CA PRO B 100 0.36 12.28 10.63
C PRO B 100 -0.78 11.33 10.24
N HIS B 101 -0.46 10.33 9.44
CA HIS B 101 -1.44 9.36 8.98
C HIS B 101 -0.76 8.01 9.01
N GLY B 102 -0.64 7.45 10.20
CA GLY B 102 0.05 6.18 10.37
C GLY B 102 -0.72 4.98 10.89
N SER B 103 -2.01 4.92 10.62
CA SER B 103 -2.78 3.76 11.02
C SER B 103 -2.32 2.64 10.08
N GLU B 104 -2.66 1.41 10.43
CA GLU B 104 -2.28 0.27 9.59
C GLU B 104 -3.38 0.02 8.57
N HIS B 105 -4.60 -0.14 9.07
CA HIS B 105 -5.74 -0.33 8.20
C HIS B 105 -6.19 1.02 7.66
N THR B 106 -6.82 1.00 6.49
CA THR B 106 -7.35 2.23 5.91
C THR B 106 -8.82 1.96 5.65
N VAL B 107 -9.60 3.02 5.53
CA VAL B 107 -11.03 2.88 5.24
C VAL B 107 -11.29 3.72 3.99
N SER B 108 -11.74 3.07 2.94
CA SER B 108 -11.99 3.76 1.67
C SER B 108 -10.72 4.50 1.24
N GLY B 109 -9.58 3.83 1.41
CA GLY B 109 -8.29 4.37 1.03
C GLY B 109 -7.68 5.38 1.98
N GLN B 110 -8.42 5.75 3.02
CA GLN B 110 -7.94 6.74 3.97
C GLN B 110 -7.28 6.19 5.22
N HIS B 111 -6.09 6.72 5.51
CA HIS B 111 -5.35 6.33 6.70
C HIS B 111 -5.90 7.19 7.83
N PHE B 112 -5.73 6.72 9.05
CA PHE B 112 -6.12 7.50 10.21
C PHE B 112 -4.79 7.88 10.84
N ALA B 113 -4.84 8.75 11.84
CA ALA B 113 -3.60 9.21 12.49
C ALA B 113 -2.78 8.09 13.11
N ALA B 114 -3.46 7.18 13.79
CA ALA B 114 -2.78 6.07 14.45
C ALA B 114 -3.75 4.90 14.62
N GLU B 115 -3.25 3.81 15.20
CA GLU B 115 -4.08 2.63 15.40
C GLU B 115 -3.63 1.87 16.64
N LEU B 116 -4.60 1.45 17.45
CA LEU B 116 -4.34 0.69 18.67
C LEU B 116 -4.72 -0.76 18.43
N HIS B 117 -3.86 -1.66 18.87
CA HIS B 117 -4.11 -3.09 18.73
C HIS B 117 -4.13 -3.76 20.10
N ILE B 118 -5.22 -4.46 20.40
CA ILE B 118 -5.33 -5.19 21.65
C ILE B 118 -5.29 -6.65 21.23
N VAL B 119 -4.16 -7.29 21.47
CA VAL B 119 -3.91 -8.67 21.06
C VAL B 119 -4.41 -9.72 22.05
N HIS B 120 -5.05 -10.75 21.52
CA HIS B 120 -5.57 -11.85 22.33
C HIS B 120 -5.21 -13.18 21.65
N TYR B 121 -5.16 -14.25 22.44
CA TYR B 121 -4.86 -15.58 21.89
C TYR B 121 -5.97 -16.55 22.27
N ASN B 122 -6.12 -17.60 21.48
CA ASN B 122 -7.16 -18.58 21.74
C ASN B 122 -6.75 -19.44 22.93
N SER B 123 -7.26 -19.09 24.11
CA SER B 123 -6.93 -19.82 25.32
C SER B 123 -7.71 -21.12 25.48
N ASP B 124 -8.73 -21.32 24.65
CA ASP B 124 -9.48 -22.58 24.73
C ASP B 124 -8.66 -23.67 24.04
N LEU B 125 -8.00 -23.30 22.93
CA LEU B 125 -7.19 -24.24 22.17
C LEU B 125 -5.73 -24.29 22.55
N TYR B 126 -5.17 -23.15 22.97
CA TYR B 126 -3.75 -23.08 23.29
C TYR B 126 -3.44 -22.56 24.69
N PRO B 127 -2.31 -23.01 25.26
CA PRO B 127 -1.86 -22.61 26.60
C PRO B 127 -1.38 -21.18 26.79
N ASP B 128 -0.86 -20.56 25.72
CA ASP B 128 -0.37 -19.20 25.80
C ASP B 128 -0.25 -18.55 24.44
N ALA B 129 0.00 -17.25 24.43
CA ALA B 129 0.11 -16.48 23.19
C ALA B 129 1.21 -16.97 22.26
N SER B 130 2.38 -17.28 22.81
CA SER B 130 3.50 -17.75 22.01
C SER B 130 3.18 -19.03 21.24
N THR B 131 2.55 -19.98 21.92
CA THR B 131 2.20 -21.25 21.29
C THR B 131 1.09 -21.07 20.26
N ALA B 132 0.16 -20.15 20.54
CA ALA B 132 -0.97 -19.89 19.67
C ALA B 132 -0.63 -19.13 18.39
N SER B 133 0.39 -18.27 18.48
CA SER B 133 0.80 -17.41 17.37
C SER B 133 0.91 -17.98 15.96
N ASN B 134 1.43 -19.20 15.81
CA ASN B 134 1.57 -19.78 14.48
C ASN B 134 0.63 -20.94 14.24
N LYS B 135 -0.48 -20.99 14.98
CA LYS B 135 -1.43 -22.09 14.84
C LYS B 135 -2.82 -21.64 14.44
N SER B 136 -3.58 -22.57 13.86
CA SER B 136 -4.94 -22.31 13.39
C SER B 136 -5.85 -21.70 14.46
N GLU B 137 -6.53 -20.62 14.10
CA GLU B 137 -7.45 -19.92 15.01
C GLU B 137 -6.72 -19.46 16.27
N GLY B 138 -5.43 -19.22 16.15
CA GLY B 138 -4.64 -18.83 17.30
C GLY B 138 -4.77 -17.44 17.90
N LEU B 139 -4.99 -16.43 17.06
CA LEU B 139 -5.07 -15.06 17.56
C LEU B 139 -6.29 -14.26 17.13
N ALA B 140 -6.60 -13.25 17.93
CA ALA B 140 -7.71 -12.33 17.64
C ALA B 140 -7.21 -10.97 18.10
N VAL B 141 -7.22 -10.01 17.19
CA VAL B 141 -6.76 -8.67 17.53
C VAL B 141 -7.89 -7.66 17.33
N LEU B 142 -8.04 -6.76 18.29
CA LEU B 142 -9.03 -5.71 18.20
C LEU B 142 -8.27 -4.47 17.75
N ALA B 143 -8.75 -3.81 16.70
CA ALA B 143 -8.08 -2.62 16.20
C ALA B 143 -8.97 -1.39 16.35
N VAL B 144 -8.40 -0.34 16.93
CA VAL B 144 -9.11 0.91 17.13
C VAL B 144 -8.41 1.99 16.31
N LEU B 145 -9.15 2.60 15.40
CA LEU B 145 -8.60 3.66 14.55
C LEU B 145 -8.57 4.94 15.38
N ILE B 146 -7.48 5.70 15.25
CA ILE B 146 -7.30 6.94 16.02
C ILE B 146 -7.14 8.16 15.12
N GLU B 147 -7.90 9.21 15.41
CA GLU B 147 -7.82 10.45 14.64
C GLU B 147 -7.63 11.62 15.60
N MET B 148 -7.12 12.72 15.07
CA MET B 148 -6.89 13.91 15.87
C MET B 148 -8.21 14.59 16.18
N GLY B 149 -8.38 15.00 17.44
CA GLY B 149 -9.60 15.66 17.86
C GLY B 149 -9.48 16.17 19.28
N SER B 150 -10.48 15.89 20.10
CA SER B 150 -10.48 16.34 21.49
C SER B 150 -9.56 15.49 22.36
N PHE B 151 -9.06 16.11 23.43
CA PHE B 151 -8.18 15.42 24.37
C PHE B 151 -8.86 14.16 24.88
N ASN B 152 -8.09 13.09 25.03
CA ASN B 152 -8.64 11.82 25.49
C ASN B 152 -7.98 11.42 26.81
N PRO B 153 -8.67 11.63 27.94
CA PRO B 153 -8.15 11.29 29.26
C PRO B 153 -7.77 9.82 29.42
N SER B 154 -8.56 8.94 28.81
CA SER B 154 -8.29 7.52 28.91
C SER B 154 -6.99 7.11 28.21
N TYR B 155 -6.77 7.60 27.00
CA TYR B 155 -5.53 7.27 26.31
C TYR B 155 -4.34 7.91 27.01
N ASP B 156 -4.59 9.00 27.74
CA ASP B 156 -3.49 9.64 28.43
C ASP B 156 -3.02 8.80 29.60
N LYS B 157 -3.84 7.84 30.01
CA LYS B 157 -3.46 6.97 31.12
C LYS B 157 -2.27 6.13 30.66
N ILE B 158 -2.04 6.12 29.35
CA ILE B 158 -0.91 5.41 28.77
C ILE B 158 0.14 6.42 28.32
N PHE B 159 -0.28 7.41 27.55
CA PHE B 159 0.63 8.42 27.04
C PHE B 159 1.40 9.19 28.12
N SER B 160 0.79 9.35 29.30
CA SER B 160 1.47 10.09 30.37
C SER B 160 2.73 9.39 30.87
N HIS B 161 2.90 8.13 30.47
CA HIS B 161 4.06 7.34 30.87
C HIS B 161 5.11 7.19 29.77
N LEU B 162 4.86 7.74 28.60
CA LEU B 162 5.77 7.62 27.47
C LEU B 162 7.24 7.99 27.70
N GLN B 163 7.51 9.08 28.40
CA GLN B 163 8.91 9.45 28.62
C GLN B 163 9.66 8.39 29.43
N HIS B 164 8.92 7.60 30.19
CA HIS B 164 9.49 6.54 31.01
C HIS B 164 9.98 5.36 30.17
N VAL B 165 9.53 5.29 28.92
CA VAL B 165 9.94 4.21 28.01
C VAL B 165 10.44 4.85 26.71
N LYS B 166 11.07 6.00 26.84
CA LYS B 166 11.58 6.74 25.69
C LYS B 166 12.50 5.93 24.77
N TYR B 167 13.37 5.11 25.34
CA TYR B 167 14.32 4.33 24.55
C TYR B 167 14.07 2.83 24.50
N LYS B 168 14.61 2.20 23.46
CA LYS B 168 14.45 0.76 23.26
C LYS B 168 14.91 -0.02 24.48
N GLY B 169 14.07 -0.98 24.89
CA GLY B 169 14.39 -1.82 26.03
C GLY B 169 13.90 -1.30 27.36
N GLN B 170 13.55 -0.02 27.42
CA GLN B 170 13.07 0.54 28.69
C GLN B 170 11.67 0.08 29.05
N GLU B 171 11.45 -0.07 30.36
CA GLU B 171 10.17 -0.51 30.88
C GLU B 171 9.68 0.42 31.99
N ALA B 172 8.37 0.46 32.19
CA ALA B 172 7.76 1.28 33.22
C ALA B 172 6.47 0.63 33.67
N PHE B 173 5.95 1.06 34.82
CA PHE B 173 4.71 0.50 35.34
C PHE B 173 3.54 1.45 35.17
N VAL B 174 2.40 0.88 34.76
CA VAL B 174 1.20 1.66 34.57
C VAL B 174 0.09 1.11 35.45
N PRO B 175 -0.47 1.94 36.34
CA PRO B 175 -1.55 1.48 37.21
C PRO B 175 -2.72 0.98 36.37
N GLY B 176 -3.37 -0.08 36.82
CA GLY B 176 -4.49 -0.62 36.07
C GLY B 176 -5.63 0.36 35.91
N PHE B 177 -6.25 0.34 34.73
CA PHE B 177 -7.40 1.19 34.45
C PHE B 177 -8.32 0.41 33.53
N ASN B 178 -9.52 0.92 33.30
CA ASN B 178 -10.49 0.23 32.45
C ASN B 178 -10.12 0.35 30.98
N ILE B 179 -9.55 -0.73 30.44
CA ILE B 179 -9.13 -0.78 29.04
C ILE B 179 -10.28 -0.54 28.07
N GLU B 180 -11.50 -0.80 28.51
CA GLU B 180 -12.66 -0.58 27.65
C GLU B 180 -12.79 0.90 27.30
N GLU B 181 -12.19 1.75 28.13
CA GLU B 181 -12.21 3.20 27.90
C GLU B 181 -11.47 3.58 26.62
N LEU B 182 -10.66 2.66 26.11
CA LEU B 182 -9.88 2.90 24.90
C LEU B 182 -10.66 2.55 23.63
N LEU B 183 -11.80 1.89 23.80
CA LEU B 183 -12.62 1.49 22.67
C LEU B 183 -13.52 2.65 22.22
N PRO B 184 -13.88 2.66 20.94
CA PRO B 184 -14.73 3.73 20.39
C PRO B 184 -16.21 3.50 20.69
N GLU B 185 -17.04 4.45 20.27
CA GLU B 185 -18.47 4.34 20.46
C GLU B 185 -19.02 3.29 19.51
N ARG B 186 -20.15 2.70 19.86
CA ARG B 186 -20.78 1.68 19.03
C ARG B 186 -19.85 0.55 18.65
N THR B 187 -19.25 -0.10 19.65
CA THR B 187 -18.34 -1.21 19.40
C THR B 187 -19.05 -2.35 18.69
N ALA B 188 -20.37 -2.31 18.66
CA ALA B 188 -21.16 -3.34 17.99
C ALA B 188 -20.93 -3.28 16.48
N GLU B 189 -20.44 -2.15 16.02
CA GLU B 189 -20.16 -1.94 14.60
C GLU B 189 -18.68 -2.14 14.30
N TYR B 190 -18.37 -3.12 13.47
CA TYR B 190 -16.98 -3.43 13.14
C TYR B 190 -16.81 -4.20 11.85
N TYR B 191 -15.56 -4.21 11.37
CA TYR B 191 -15.19 -4.97 10.17
C TYR B 191 -14.55 -6.23 10.74
N ARG B 192 -14.78 -7.35 10.07
CA ARG B 192 -14.25 -8.64 10.50
C ARG B 192 -13.66 -9.41 9.33
N TYR B 193 -12.42 -9.87 9.48
CA TYR B 193 -11.80 -10.64 8.41
C TYR B 193 -10.63 -11.47 8.95
N ARG B 194 -10.27 -12.51 8.22
CA ARG B 194 -9.18 -13.39 8.60
C ARG B 194 -7.91 -12.88 7.93
N GLY B 195 -6.92 -12.54 8.75
CA GLY B 195 -5.67 -12.02 8.24
C GLY B 195 -4.44 -12.51 8.97
N SER B 196 -3.46 -11.62 9.10
CA SER B 196 -2.18 -11.98 9.72
C SER B 196 -1.66 -10.96 10.70
N LEU B 197 -0.54 -11.32 11.33
CA LEU B 197 0.16 -10.40 12.22
C LEU B 197 0.73 -9.39 11.21
N THR B 198 0.78 -8.11 11.58
CA THR B 198 1.29 -7.10 10.65
C THR B 198 2.78 -6.85 10.82
N THR B 199 3.44 -7.67 11.63
CA THR B 199 4.88 -7.58 11.83
C THR B 199 5.42 -9.00 11.75
N PRO B 200 6.72 -9.15 11.45
CA PRO B 200 7.29 -10.51 11.38
C PRO B 200 6.97 -11.27 12.67
N PRO B 201 6.72 -12.59 12.57
CA PRO B 201 6.71 -13.46 11.40
C PRO B 201 5.52 -13.38 10.44
N CYS B 202 4.60 -12.44 10.68
CA CYS B 202 3.43 -12.27 9.81
C CYS B 202 2.55 -13.50 9.66
N ASN B 203 2.43 -14.29 10.72
CA ASN B 203 1.62 -15.51 10.63
C ASN B 203 0.16 -15.20 10.28
N PRO B 204 -0.42 -15.92 9.31
CA PRO B 204 -1.80 -15.73 8.88
C PRO B 204 -2.75 -16.43 9.84
N THR B 205 -2.67 -16.04 11.11
CA THR B 205 -3.45 -16.68 12.16
C THR B 205 -4.30 -15.71 12.97
N VAL B 206 -4.54 -14.52 12.44
CA VAL B 206 -5.28 -13.51 13.16
C VAL B 206 -6.69 -13.21 12.69
N LEU B 207 -7.64 -13.29 13.62
CA LEU B 207 -9.02 -12.96 13.31
C LEU B 207 -9.08 -11.47 13.68
N TRP B 208 -9.21 -10.62 12.66
CA TRP B 208 -9.25 -9.18 12.88
C TRP B 208 -10.63 -8.61 13.13
N THR B 209 -10.71 -7.67 14.07
CA THR B 209 -11.93 -6.96 14.36
C THR B 209 -11.50 -5.50 14.39
N VAL B 210 -11.88 -4.75 13.36
CA VAL B 210 -11.53 -3.35 13.27
C VAL B 210 -12.81 -2.57 13.53
N PHE B 211 -12.88 -1.86 14.65
CA PHE B 211 -14.08 -1.11 14.94
C PHE B 211 -14.33 -0.04 13.89
N ARG B 212 -15.60 0.10 13.51
CA ARG B 212 -15.99 1.05 12.48
C ARG B 212 -15.68 2.50 12.82
N ASN B 213 -15.96 2.89 14.06
CA ASN B 213 -15.75 4.26 14.47
C ASN B 213 -14.42 4.52 15.18
N PRO B 214 -13.76 5.62 14.82
CA PRO B 214 -12.47 5.96 15.43
C PRO B 214 -12.63 6.68 16.77
N VAL B 215 -11.55 6.73 17.53
CA VAL B 215 -11.54 7.45 18.80
C VAL B 215 -10.74 8.69 18.46
N GLN B 216 -10.78 9.68 19.34
CA GLN B 216 -10.05 10.91 19.12
C GLN B 216 -9.06 11.19 20.23
N ILE B 217 -7.91 11.74 19.85
CA ILE B 217 -6.90 12.15 20.81
C ILE B 217 -6.45 13.53 20.32
N SER B 218 -6.05 14.39 21.25
CA SER B 218 -5.66 15.74 20.88
C SER B 218 -4.38 15.83 20.05
N GLN B 219 -4.24 16.95 19.35
CA GLN B 219 -3.07 17.18 18.52
C GLN B 219 -1.82 17.05 19.37
N GLU B 220 -1.92 17.47 20.63
CA GLU B 220 -0.78 17.39 21.56
C GLU B 220 -0.48 15.94 21.92
N GLN B 221 -1.51 15.13 22.11
CA GLN B 221 -1.32 13.72 22.44
C GLN B 221 -0.68 12.99 21.27
N LEU B 222 -1.16 13.28 20.07
CA LEU B 222 -0.64 12.65 18.87
C LEU B 222 0.83 13.03 18.64
N LEU B 223 1.14 14.31 18.85
CA LEU B 223 2.50 14.78 18.68
C LEU B 223 3.43 14.12 19.68
N ALA B 224 2.95 13.97 20.92
CA ALA B 224 3.76 13.34 21.96
C ALA B 224 4.09 11.92 21.52
N LEU B 225 3.09 11.21 21.02
CA LEU B 225 3.28 9.84 20.57
C LEU B 225 4.27 9.77 19.41
N GLU B 226 4.18 10.74 18.49
CA GLU B 226 5.05 10.78 17.32
C GLU B 226 6.47 11.29 17.57
N THR B 227 6.71 11.89 18.73
CA THR B 227 8.03 12.45 19.03
C THR B 227 8.66 12.02 20.36
N ALA B 228 7.93 11.26 21.17
CA ALA B 228 8.46 10.87 22.46
C ALA B 228 9.37 9.64 22.48
N LEU B 229 9.23 8.75 21.49
CA LEU B 229 10.00 7.53 21.48
C LEU B 229 11.08 7.36 20.42
N TYR B 230 12.07 6.53 20.75
CA TYR B 230 13.18 6.21 19.87
C TYR B 230 13.25 4.70 19.73
N CYS B 231 13.72 4.22 18.58
CA CYS B 231 13.87 2.79 18.39
C CYS B 231 15.30 2.38 18.73
N THR B 232 16.08 3.35 19.19
CA THR B 232 17.46 3.13 19.57
C THR B 232 17.60 3.11 21.10
N HIS B 233 18.68 2.51 21.59
CA HIS B 233 18.94 2.44 23.01
C HIS B 233 19.35 3.80 23.56
N MET B 234 19.21 3.96 24.87
CA MET B 234 19.57 5.19 25.57
C MET B 234 21.03 5.57 25.26
N ASP B 235 21.25 6.85 24.97
CA ASP B 235 22.58 7.40 24.68
C ASP B 235 23.28 6.85 23.44
N ASP B 236 22.51 6.31 22.50
CA ASP B 236 23.08 5.79 21.28
C ASP B 236 23.71 6.96 20.51
N PRO B 237 24.88 6.72 19.88
CA PRO B 237 25.57 7.77 19.11
C PRO B 237 24.73 8.34 17.96
N SER B 238 23.84 7.52 17.43
CA SER B 238 22.97 7.94 16.33
C SER B 238 21.51 7.64 16.64
N PRO B 239 20.90 8.42 17.56
CA PRO B 239 19.50 8.23 17.94
C PRO B 239 18.55 8.24 16.76
N ARG B 240 17.61 7.30 16.74
CA ARG B 240 16.63 7.22 15.68
C ARG B 240 15.23 7.24 16.29
N GLU B 241 14.41 8.20 15.85
CA GLU B 241 13.06 8.35 16.37
C GLU B 241 12.15 7.23 15.88
N MET B 242 11.24 6.80 16.75
CA MET B 242 10.29 5.76 16.40
C MET B 242 9.09 6.44 15.74
N ILE B 243 9.06 6.38 14.41
CA ILE B 243 7.99 6.97 13.61
C ILE B 243 7.68 6.06 12.44
N ASN B 244 6.51 6.28 11.83
CA ASN B 244 6.08 5.49 10.68
C ASN B 244 6.22 3.99 10.93
N ASN B 245 5.83 3.56 12.12
CA ASN B 245 5.92 2.16 12.48
C ASN B 245 4.63 1.42 12.17
N PHE B 246 4.26 1.43 10.90
CA PHE B 246 3.06 0.76 10.41
C PHE B 246 3.41 0.13 9.07
N ARG B 247 2.72 -0.97 8.74
CA ARG B 247 2.96 -1.67 7.48
C ARG B 247 2.02 -1.14 6.41
N GLN B 248 2.49 -1.12 5.17
CA GLN B 248 1.67 -0.67 4.05
C GLN B 248 0.52 -1.65 3.88
N VAL B 249 -0.60 -1.18 3.32
CA VAL B 249 -1.74 -2.06 3.11
C VAL B 249 -1.40 -3.12 2.08
N GLN B 250 -1.94 -4.31 2.31
CA GLN B 250 -1.71 -5.47 1.46
C GLN B 250 -2.89 -5.70 0.52
N LYS B 251 -2.63 -6.35 -0.61
CA LYS B 251 -3.71 -6.65 -1.53
C LYS B 251 -4.62 -7.64 -0.82
N PHE B 252 -5.91 -7.54 -1.08
CA PHE B 252 -6.90 -8.42 -0.49
C PHE B 252 -7.94 -8.50 -1.59
N ASP B 253 -7.82 -9.54 -2.42
CA ASP B 253 -8.71 -9.73 -3.56
C ASP B 253 -10.19 -9.94 -3.26
N GLU B 254 -10.54 -11.17 -2.91
CA GLU B 254 -11.93 -11.52 -2.65
C GLU B 254 -12.66 -10.73 -1.58
N ARG B 255 -13.98 -10.73 -1.70
CA ARG B 255 -14.88 -10.04 -0.78
C ARG B 255 -15.00 -10.88 0.49
N LEU B 256 -13.91 -10.94 1.25
CA LEU B 256 -13.87 -11.72 2.47
C LEU B 256 -13.78 -10.84 3.72
N VAL B 257 -14.29 -9.61 3.61
CA VAL B 257 -14.32 -8.70 4.75
C VAL B 257 -15.79 -8.51 5.08
N TYR B 258 -16.18 -8.90 6.29
CA TYR B 258 -17.58 -8.76 6.69
C TYR B 258 -17.80 -7.63 7.68
N THR B 259 -18.99 -7.05 7.64
CA THR B 259 -19.33 -5.95 8.51
C THR B 259 -20.56 -6.30 9.34
N SER B 260 -20.60 -5.77 10.56
CA SER B 260 -21.72 -6.03 11.46
C SER B 260 -22.75 -4.91 11.28
N PHE B 261 -22.55 -4.11 10.24
CA PHE B 261 -23.44 -2.99 9.95
C PHE B 261 -23.70 -2.92 8.44
N SER B 262 -24.83 -2.32 8.07
CA SER B 262 -25.19 -2.19 6.66
C SER B 262 -24.89 -0.79 6.14
ZN ZN C . 4.15 0.51 -15.68
C1 AZM D . 8.23 -0.16 -15.97
C2 AZM D . 9.71 -1.22 -17.32
C3 AZM D . 11.10 -1.22 -19.33
C4 AZM D . 10.11 -0.40 -20.15
N1 AZM D . 5.85 0.03 -14.81
N2 AZM D . 9.43 -1.95 -16.28
N3 AZM D . 8.55 -1.31 -15.46
N4 AZM D . 10.59 -1.79 -18.18
O1 AZM D . 6.75 1.99 -16.11
O2 AZM D . 7.82 1.55 -14.03
O3 AZM D . 12.25 -1.33 -19.74
S1 AZM D . 7.11 0.95 -15.16
S2 AZM D . 8.94 0.28 -17.45
ZN ZN E . -0.11 -3.97 15.80
C1 AZM F . 1.15 -7.91 16.13
C2 AZM F . 2.44 -9.11 17.55
C3 AZM F . 2.81 -10.28 19.71
C4 AZM F . 1.44 -9.87 20.20
N1 AZM F . 0.60 -5.63 14.89
N2 AZM F . 3.08 -8.86 16.45
N3 AZM F . 2.31 -8.12 15.60
N4 AZM F . 3.18 -9.84 18.44
O1 AZM F . -1.20 -6.75 16.23
O2 AZM F . -0.60 -7.79 14.17
O3 AZM F . 3.51 -10.97 20.46
S1 AZM F . -0.11 -7.00 15.29
S2 AZM F . 0.86 -8.54 17.69
#